data_9GPZ
#
_entry.id   9GPZ
#
_cell.length_a   49.028
_cell.length_b   49.028
_cell.length_c   195.666
_cell.angle_alpha   90
_cell.angle_beta   90
_cell.angle_gamma   120
#
_symmetry.space_group_name_H-M   'P 32 2 1'
#
loop_
_entity.id
_entity.type
_entity.pdbx_description
1 polymer 'Peptidyl-prolyl cis-trans isomerase FKBP5'
2 non-polymer 3-cyclohexyl-17,18-dimethoxy-13-methyl-17-methylol-15,19-dioxa-1,17lambda5-diphospha-1,11lambda5-distannapentacyclo[15.3.1.04,9.011,13.013,19]heneicosane-2,10-quinone
3 water water
#
_entity_poly.entity_id   1
_entity_poly.type   'polypeptide(L)'
_entity_poly.pdbx_seq_one_letter_code
;GAPATVTEQGEDITSKKDRGVLKIVKRVGNGEETPMIGDKVYVHYKGKLSNGKKFDSSHDRNEPFVFSLGKGQVIKAWDI
GVATMKKGEIAHLLIKPEYAYGSAGSLPKIPSNATLFFEIELLDFKGE
;
_entity_poly.pdbx_strand_id   B,A
#
loop_
_chem_comp.id
_chem_comp.type
_chem_comp.name
_chem_comp.formula
A1INY non-polymer 3-cyclohexyl-17,18-dimethoxy-13-methyl-17-methylol-15,19-dioxa-1,17lambda5-diphospha-1,11lambda5-distannapentacyclo[15.3.1.04,9.011,13.013,19]heneicosane-2,10-quinone 'C32 H46 N4 O6'
#
# COMPACT_ATOMS: atom_id res chain seq x y z
N GLY A 1 24.60 -9.28 4.71
CA GLY A 1 24.15 -9.86 5.99
C GLY A 1 22.75 -10.43 5.78
N ALA A 2 21.86 -10.20 6.75
CA ALA A 2 20.66 -11.01 6.85
C ALA A 2 19.85 -10.95 5.55
N PRO A 3 19.45 -9.79 4.99
CA PRO A 3 18.62 -9.82 3.77
C PRO A 3 19.31 -10.58 2.63
N ALA A 4 20.61 -10.37 2.44
CA ALA A 4 21.33 -11.05 1.38
C ALA A 4 21.29 -12.58 1.57
N THR A 5 21.41 -13.02 2.82
CA THR A 5 21.46 -14.45 3.13
C THR A 5 20.11 -15.03 2.78
N VAL A 6 19.03 -14.28 3.06
CA VAL A 6 17.71 -14.80 2.74
C VAL A 6 17.56 -14.90 1.22
N THR A 7 17.98 -13.88 0.44
CA THR A 7 18.02 -13.96 -1.02
C THR A 7 18.74 -15.25 -1.46
N GLU A 8 19.90 -15.52 -0.84
CA GLU A 8 20.76 -16.62 -1.29
C GLU A 8 20.20 -17.98 -0.85
N GLN A 9 19.63 -18.06 0.37
CA GLN A 9 19.45 -19.34 1.06
C GLN A 9 17.98 -19.59 1.39
N GLY A 10 17.12 -18.57 1.23
CA GLY A 10 15.78 -18.72 1.77
C GLY A 10 14.89 -19.61 0.91
N GLU A 11 13.93 -20.26 1.58
CA GLU A 11 12.91 -21.06 0.91
C GLU A 11 11.82 -20.15 0.35
N ASP A 12 11.34 -20.42 -0.85
CA ASP A 12 10.23 -19.65 -1.42
C ASP A 12 8.92 -20.24 -0.90
N ILE A 13 8.22 -19.52 -0.04
CA ILE A 13 7.00 -20.07 0.53
C ILE A 13 5.74 -19.51 -0.14
N THR A 14 5.87 -18.89 -1.34
CA THR A 14 4.71 -18.46 -2.14
C THR A 14 4.05 -19.62 -2.90
N SER A 15 2.73 -19.51 -3.15
CA SER A 15 2.00 -20.52 -3.91
C SER A 15 2.43 -20.44 -5.36
N LYS A 16 2.67 -19.23 -5.84
CA LYS A 16 3.05 -18.98 -7.23
C LYS A 16 4.51 -19.36 -7.51
N LYS A 17 5.30 -19.62 -6.47
CA LYS A 17 6.73 -19.86 -6.67
C LYS A 17 7.37 -18.71 -7.48
N ASP A 18 7.05 -17.47 -7.05
CA ASP A 18 7.59 -16.25 -7.67
C ASP A 18 8.63 -15.58 -6.79
N ARG A 19 9.14 -16.28 -5.77
CA ARG A 19 10.15 -15.74 -4.83
C ARG A 19 9.72 -14.43 -4.19
N GLY A 20 8.40 -14.28 -4.05
CA GLY A 20 7.80 -13.06 -3.49
C GLY A 20 8.07 -12.99 -1.97
N VAL A 21 8.16 -14.16 -1.31
CA VAL A 21 8.33 -14.28 0.11
C VAL A 21 9.33 -15.42 0.35
N LEU A 22 10.51 -15.06 0.84
CA LEU A 22 11.61 -16.01 1.09
C LEU A 22 11.84 -16.10 2.59
N LYS A 23 12.05 -17.34 3.07
CA LYS A 23 12.15 -17.62 4.49
C LYS A 23 13.38 -18.41 4.91
N ILE A 24 14.00 -17.97 6.03
CA ILE A 24 14.93 -18.82 6.79
C ILE A 24 14.44 -18.92 8.23
N VAL A 25 14.45 -20.16 8.71
CA VAL A 25 14.23 -20.44 10.13
C VAL A 25 15.55 -20.16 10.86
N LYS A 26 15.54 -19.26 11.82
CA LYS A 26 16.76 -18.90 12.57
C LYS A 26 16.82 -19.56 13.93
N ARG A 27 15.65 -19.74 14.57
CA ARG A 27 15.57 -20.55 15.77
C ARG A 27 14.36 -21.46 15.62
N VAL A 28 14.55 -22.78 15.86
CA VAL A 28 13.45 -23.75 15.78
C VAL A 28 12.49 -23.57 16.97
N GLY A 29 11.17 -23.60 16.68
CA GLY A 29 10.06 -23.57 17.62
C GLY A 29 9.62 -24.99 18.05
N ASN A 30 8.51 -25.10 18.81
CA ASN A 30 8.07 -26.38 19.40
C ASN A 30 6.65 -26.70 18.94
N GLY A 31 6.31 -27.97 18.75
CA GLY A 31 4.93 -28.32 18.42
C GLY A 31 4.73 -28.63 16.94
N GLU A 32 3.55 -29.24 16.66
CA GLU A 32 3.07 -29.65 15.34
C GLU A 32 2.14 -28.58 14.74
N GLU A 33 1.42 -27.81 15.57
CA GLU A 33 0.48 -26.82 15.09
C GLU A 33 1.26 -25.62 14.54
N THR A 34 0.84 -25.14 13.36
CA THR A 34 1.09 -23.78 12.90
C THR A 34 -0.23 -23.00 12.95
N PRO A 35 -0.21 -21.67 13.00
CA PRO A 35 -1.47 -20.95 13.09
C PRO A 35 -2.29 -21.12 11.82
N MET A 36 -3.62 -21.06 11.98
CA MET A 36 -4.45 -21.02 10.78
C MET A 36 -5.30 -19.77 10.70
N ILE A 37 -5.96 -19.61 9.56
CA ILE A 37 -6.64 -18.37 9.30
C ILE A 37 -7.70 -18.15 10.37
N GLY A 38 -7.75 -16.94 10.93
CA GLY A 38 -8.65 -16.62 12.03
C GLY A 38 -7.95 -16.55 13.39
N ASP A 39 -6.80 -17.23 13.56
CA ASP A 39 -6.15 -17.27 14.87
C ASP A 39 -5.66 -15.86 15.27
N LYS A 40 -5.75 -15.53 16.56
CA LYS A 40 -5.13 -14.35 17.10
C LYS A 40 -3.66 -14.70 17.35
N VAL A 41 -2.75 -13.89 16.81
CA VAL A 41 -1.33 -14.25 16.82
C VAL A 41 -0.52 -13.17 17.53
N TYR A 42 0.45 -13.60 18.37
CA TYR A 42 1.28 -12.72 19.16
C TYR A 42 2.72 -12.88 18.66
N VAL A 43 3.36 -11.77 18.27
CA VAL A 43 4.74 -11.82 17.81
C VAL A 43 5.55 -10.68 18.43
N HIS A 44 6.89 -10.86 18.42
CA HIS A 44 7.80 -9.71 18.39
C HIS A 44 8.44 -9.67 17.02
N TYR A 45 8.78 -8.47 16.56
CA TYR A 45 9.38 -8.38 15.24
C TYR A 45 10.34 -7.18 15.21
N LYS A 46 11.22 -7.28 14.22
CA LYS A 46 12.15 -6.25 13.81
C LYS A 46 12.02 -6.22 12.30
N GLY A 47 11.62 -5.06 11.76
CA GLY A 47 11.52 -4.91 10.32
C GLY A 47 12.27 -3.70 9.82
N LYS A 48 12.63 -3.72 8.52
CA LYS A 48 13.25 -2.56 7.89
C LYS A 48 13.01 -2.67 6.41
N LEU A 49 13.11 -1.52 5.72
CA LEU A 49 13.31 -1.60 4.27
C LEU A 49 14.62 -2.35 4.02
N SER A 50 14.68 -3.18 2.96
CA SER A 50 15.82 -4.10 2.85
C SER A 50 17.13 -3.33 2.66
N ASN A 51 17.07 -2.09 2.18
CA ASN A 51 18.23 -1.21 2.10
C ASN A 51 18.50 -0.40 3.38
N GLY A 52 18.27 -0.97 4.58
CA GLY A 52 18.70 -0.36 5.83
C GLY A 52 17.81 0.82 6.16
N PHE A 55 15.28 0.28 11.56
CA PHE A 55 14.26 -0.72 11.98
C PHE A 55 13.03 -0.12 12.66
N ASP A 56 11.84 -0.60 12.26
CA ASP A 56 10.67 -0.61 13.13
C ASP A 56 10.65 -1.90 13.94
N SER A 57 10.55 -1.76 15.27
CA SER A 57 10.53 -2.96 16.12
C SER A 57 9.42 -2.87 17.17
N SER A 58 8.74 -3.99 17.39
CA SER A 58 7.77 -4.11 18.48
C SER A 58 8.42 -3.74 19.81
N HIS A 59 9.71 -4.12 19.99
CA HIS A 59 10.42 -3.78 21.22
C HIS A 59 10.42 -2.27 21.45
N ASP A 60 10.34 -1.45 20.40
CA ASP A 60 10.26 0.01 20.57
C ASP A 60 9.05 0.42 21.44
N ARG A 61 8.00 -0.40 21.45
CA ARG A 61 6.75 -0.07 22.10
C ARG A 61 6.54 -1.00 23.30
N ASN A 62 7.58 -1.77 23.63
CA ASN A 62 7.65 -2.47 24.91
C ASN A 62 6.44 -3.40 25.07
N GLU A 63 5.88 -3.92 23.97
CA GLU A 63 4.78 -4.88 24.06
C GLU A 63 4.74 -5.70 22.76
N PRO A 64 4.19 -6.94 22.78
CA PRO A 64 4.05 -7.72 21.55
C PRO A 64 3.06 -7.09 20.57
N PHE A 65 3.25 -7.46 19.30
CA PHE A 65 2.36 -7.04 18.22
C PHE A 65 1.35 -8.17 17.99
N VAL A 66 0.07 -7.83 18.09
CA VAL A 66 -1.00 -8.80 17.95
C VAL A 66 -1.84 -8.56 16.69
N PHE A 67 -2.19 -9.64 15.98
CA PHE A 67 -3.06 -9.55 14.81
C PHE A 67 -3.77 -10.89 14.54
N SER A 68 -4.87 -10.85 13.77
CA SER A 68 -5.65 -12.02 13.42
C SER A 68 -5.14 -12.51 12.06
N LEU A 69 -4.76 -13.78 11.95
CA LEU A 69 -4.14 -14.28 10.74
C LEU A 69 -5.12 -14.40 9.58
N GLY A 70 -4.62 -13.95 8.42
CA GLY A 70 -5.32 -14.02 7.15
C GLY A 70 -6.57 -13.15 7.05
N LYS A 71 -6.68 -12.09 7.87
CA LYS A 71 -7.86 -11.21 7.93
C LYS A 71 -7.55 -9.86 7.25
N GLY A 72 -6.47 -9.80 6.45
CA GLY A 72 -6.02 -8.57 5.82
C GLY A 72 -5.57 -7.48 6.79
N GLN A 73 -5.12 -7.81 8.01
CA GLN A 73 -4.73 -6.83 9.01
C GLN A 73 -3.27 -6.43 8.83
N VAL A 74 -2.52 -7.28 8.15
CA VAL A 74 -1.11 -7.14 7.92
C VAL A 74 -0.86 -7.41 6.45
N ILE A 75 0.41 -7.20 5.98
CA ILE A 75 0.74 -7.44 4.60
C ILE A 75 0.59 -8.92 4.26
N LYS A 76 0.21 -9.24 2.99
CA LYS A 76 0.10 -10.62 2.48
C LYS A 76 1.27 -11.47 2.93
N ALA A 77 2.53 -10.97 2.87
CA ALA A 77 3.70 -11.80 3.23
C ALA A 77 3.72 -12.26 4.69
N TRP A 78 3.11 -11.52 5.61
CA TRP A 78 2.96 -11.98 6.98
C TRP A 78 1.87 -13.05 7.08
N ASP A 79 0.71 -12.87 6.38
CA ASP A 79 -0.38 -13.82 6.42
C ASP A 79 0.16 -15.16 5.93
N ILE A 80 1.02 -15.11 4.91
CA ILE A 80 1.63 -16.32 4.38
C ILE A 80 2.73 -16.88 5.29
N GLY A 81 3.64 -16.02 5.74
CA GLY A 81 4.84 -16.42 6.50
C GLY A 81 4.55 -16.93 7.88
N VAL A 82 3.74 -16.17 8.65
CA VAL A 82 3.44 -16.54 9.98
C VAL A 82 2.65 -17.86 10.01
N ALA A 83 1.83 -18.16 8.97
CA ALA A 83 1.10 -19.40 8.84
C ALA A 83 2.04 -20.62 8.82
N THR A 84 3.30 -20.42 8.44
CA THR A 84 4.29 -21.51 8.40
C THR A 84 5.07 -21.66 9.72
N MET A 85 4.94 -20.75 10.68
CA MET A 85 5.81 -20.71 11.83
C MET A 85 5.26 -21.56 12.99
N LYS A 86 6.16 -22.18 13.80
CA LYS A 86 5.74 -22.89 15.00
C LYS A 86 5.88 -21.93 16.18
N LYS A 87 5.23 -22.22 17.31
CA LYS A 87 5.41 -21.45 18.55
C LYS A 87 6.87 -21.44 19.00
N GLY A 88 7.42 -20.22 19.25
CA GLY A 88 8.79 -20.04 19.71
C GLY A 88 9.82 -19.90 18.59
N GLU A 89 9.37 -20.14 17.34
CA GLU A 89 10.20 -19.96 16.13
C GLU A 89 10.63 -18.52 15.92
N ILE A 90 11.92 -18.39 15.53
CA ILE A 90 12.34 -17.10 14.96
C ILE A 90 12.67 -17.35 13.50
N ALA A 91 12.11 -16.48 12.64
CA ALA A 91 12.33 -16.60 11.21
C ALA A 91 12.70 -15.23 10.66
N HIS A 92 13.40 -15.31 9.54
CA HIS A 92 13.73 -14.19 8.67
C HIS A 92 12.91 -14.26 7.39
N LEU A 93 12.27 -13.13 7.01
CA LEU A 93 11.49 -13.03 5.78
C LEU A 93 12.04 -11.91 4.94
N LEU A 94 12.15 -12.20 3.66
CA LEU A 94 12.43 -11.14 2.70
C LEU A 94 11.29 -11.11 1.70
N ILE A 95 10.77 -9.86 1.38
CA ILE A 95 9.44 -9.70 0.82
C ILE A 95 9.53 -8.77 -0.33
N LYS A 96 9.17 -9.23 -1.53
CA LYS A 96 9.03 -8.27 -2.67
C LYS A 96 7.76 -7.46 -2.53
N PRO A 97 7.68 -6.32 -3.28
CA PRO A 97 6.58 -5.37 -3.10
C PRO A 97 5.22 -5.96 -3.33
N GLU A 98 5.12 -7.00 -4.18
CA GLU A 98 3.85 -7.61 -4.53
C GLU A 98 3.19 -8.19 -3.29
N TYR A 99 3.99 -8.60 -2.28
CA TYR A 99 3.45 -9.19 -1.08
C TYR A 99 3.50 -8.23 0.11
N ALA A 100 3.76 -6.96 -0.19
CA ALA A 100 3.89 -5.94 0.84
C ALA A 100 3.10 -4.72 0.33
N TYR A 101 3.75 -3.61 -0.06
CA TYR A 101 2.99 -2.39 -0.33
C TYR A 101 2.99 -1.97 -1.80
N GLY A 102 3.58 -2.78 -2.68
CA GLY A 102 3.27 -2.63 -4.10
C GLY A 102 3.95 -1.41 -4.73
N SER A 103 3.66 -1.12 -5.99
CA SER A 103 4.20 0.11 -6.57
C SER A 103 3.51 1.35 -6.03
N ALA A 104 2.34 1.23 -5.40
CA ALA A 104 1.73 2.36 -4.77
C ALA A 104 2.50 2.83 -3.54
N GLY A 105 3.05 1.87 -2.80
CA GLY A 105 3.76 2.14 -1.56
C GLY A 105 2.78 2.49 -0.44
N SER A 106 3.34 3.03 0.62
CA SER A 106 2.61 3.53 1.76
C SER A 106 3.44 4.61 2.45
N LEU A 107 3.42 5.81 1.83
CA LEU A 107 4.18 6.94 2.33
C LEU A 107 3.56 7.44 3.64
N PRO A 108 4.38 8.04 4.52
CA PRO A 108 5.82 8.22 4.30
C PRO A 108 6.71 7.05 4.66
N LYS A 109 6.21 6.03 5.32
CA LYS A 109 7.12 4.97 5.74
C LYS A 109 7.66 4.16 4.57
N ILE A 110 6.82 3.83 3.62
CA ILE A 110 7.22 2.84 2.63
C ILE A 110 7.17 3.45 1.23
N PRO A 111 8.31 3.53 0.49
CA PRO A 111 8.29 4.07 -0.88
C PRO A 111 7.70 3.06 -1.84
N SER A 112 7.51 3.52 -3.05
CA SER A 112 7.08 2.65 -4.12
C SER A 112 8.10 1.51 -4.29
N ASN A 113 7.56 0.34 -4.47
CA ASN A 113 8.34 -0.82 -4.97
C ASN A 113 9.39 -1.25 -3.94
N ALA A 114 9.04 -1.18 -2.64
CA ALA A 114 10.01 -1.46 -1.59
C ALA A 114 10.03 -2.99 -1.29
N THR A 115 11.24 -3.50 -1.22
CA THR A 115 11.51 -4.82 -0.61
C THR A 115 11.76 -4.61 0.91
N LEU A 116 11.16 -5.50 1.71
CA LEU A 116 11.13 -5.42 3.17
C LEU A 116 11.76 -6.70 3.76
N PHE A 117 12.35 -6.56 4.95
CA PHE A 117 12.99 -7.65 5.67
C PHE A 117 12.43 -7.63 7.08
N PHE A 118 12.11 -8.81 7.61
CA PHE A 118 11.72 -8.93 9.01
C PHE A 118 12.38 -10.14 9.64
N GLU A 119 12.67 -9.97 10.92
CA GLU A 119 12.86 -11.07 11.86
C GLU A 119 11.62 -11.09 12.73
N ILE A 120 11.05 -12.29 12.80
CA ILE A 120 9.83 -12.49 13.52
C ILE A 120 10.03 -13.60 14.52
N GLU A 121 9.57 -13.29 15.75
CA GLU A 121 9.43 -14.34 16.76
C GLU A 121 7.94 -14.53 17.05
N LEU A 122 7.50 -15.76 16.82
CA LEU A 122 6.15 -16.20 17.11
C LEU A 122 6.00 -16.57 18.59
N LEU A 123 5.23 -15.74 19.36
CA LEU A 123 5.21 -15.94 20.80
C LEU A 123 4.09 -16.92 21.17
N ASP A 124 2.95 -16.76 20.50
CA ASP A 124 1.74 -17.53 20.84
C ASP A 124 0.69 -17.26 19.77
N PHE A 125 -0.31 -18.17 19.73
CA PHE A 125 -1.51 -18.00 18.93
C PHE A 125 -2.67 -18.82 19.51
N LYS A 126 -3.89 -18.32 19.31
CA LYS A 126 -5.12 -18.82 19.95
C LYS A 126 -6.23 -18.73 18.90
N GLY A 127 -7.07 -19.77 18.82
CA GLY A 127 -8.16 -19.83 17.85
C GLY A 127 -9.26 -18.85 18.26
N GLU A 128 -9.89 -18.17 17.29
CA GLU A 128 -10.88 -17.13 17.56
C GLU A 128 -12.03 -17.67 18.42
N GLY B 1 -2.70 25.90 -18.63
CA GLY B 1 -3.20 24.54 -18.73
C GLY B 1 -4.04 24.20 -17.51
N ALA B 2 -4.76 23.09 -17.66
CA ALA B 2 -5.47 22.46 -16.57
C ALA B 2 -4.65 22.43 -15.26
N PRO B 3 -3.40 21.99 -15.24
CA PRO B 3 -2.62 21.98 -14.01
C PRO B 3 -2.50 23.38 -13.42
N ALA B 4 -2.27 24.38 -14.25
CA ALA B 4 -2.07 25.72 -13.74
C ALA B 4 -3.37 26.25 -13.14
N THR B 5 -4.52 25.93 -13.73
CA THR B 5 -5.79 26.38 -13.24
C THR B 5 -6.00 25.76 -11.86
N VAL B 6 -5.62 24.50 -11.69
CA VAL B 6 -5.74 23.88 -10.36
C VAL B 6 -4.84 24.58 -9.33
N THR B 7 -3.59 24.88 -9.67
CA THR B 7 -2.73 25.71 -8.85
C THR B 7 -3.43 27.03 -8.47
N GLU B 8 -4.24 27.60 -9.39
CA GLU B 8 -4.83 28.93 -9.23
C GLU B 8 -6.21 28.89 -8.53
N GLN B 9 -7.03 27.87 -8.77
CA GLN B 9 -8.41 27.85 -8.35
C GLN B 9 -8.71 26.64 -7.45
N GLY B 10 -7.78 25.67 -7.37
CA GLY B 10 -8.15 24.43 -6.72
C GLY B 10 -8.27 24.57 -5.20
N GLU B 11 -9.16 23.74 -4.61
CA GLU B 11 -9.39 23.69 -3.18
C GLU B 11 -8.37 22.73 -2.59
N ASP B 12 -7.76 23.17 -1.48
CA ASP B 12 -6.85 22.32 -0.75
C ASP B 12 -7.63 21.33 0.13
N ILE B 13 -7.61 20.08 -0.27
CA ILE B 13 -8.38 19.07 0.45
C ILE B 13 -7.51 18.23 1.41
N THR B 14 -6.28 18.68 1.72
CA THR B 14 -5.45 18.06 2.77
C THR B 14 -5.94 18.46 4.17
N SER B 15 -5.80 17.54 5.14
CA SER B 15 -6.14 17.84 6.53
C SER B 15 -5.11 18.80 7.09
N LYS B 16 -3.85 18.65 6.66
CA LYS B 16 -2.77 19.54 7.05
C LYS B 16 -2.84 20.93 6.44
N LYS B 17 -3.67 21.14 5.42
CA LYS B 17 -3.70 22.41 4.72
C LYS B 17 -2.30 22.79 4.19
N ASP B 18 -1.61 21.83 3.54
CA ASP B 18 -0.30 22.02 2.95
C ASP B 18 -0.30 22.09 1.43
N ARG B 19 -1.48 22.30 0.83
CA ARG B 19 -1.67 22.38 -0.62
C ARG B 19 -1.11 21.15 -1.33
N GLY B 20 -1.03 20.03 -0.62
CA GLY B 20 -0.46 18.80 -1.15
C GLY B 20 -1.34 18.14 -2.18
N VAL B 21 -2.67 18.35 -2.06
CA VAL B 21 -3.65 17.79 -2.94
C VAL B 21 -4.66 18.92 -3.19
N LEU B 22 -4.65 19.47 -4.42
CA LEU B 22 -5.56 20.45 -4.89
C LEU B 22 -6.60 19.91 -5.84
N LYS B 23 -7.85 20.34 -5.68
CA LYS B 23 -8.97 19.83 -6.46
C LYS B 23 -9.84 20.92 -7.10
N ILE B 24 -10.25 20.66 -8.35
CA ILE B 24 -11.40 21.30 -8.97
C ILE B 24 -12.40 20.25 -9.43
N VAL B 25 -13.67 20.54 -9.13
CA VAL B 25 -14.79 19.79 -9.65
C VAL B 25 -15.04 20.38 -11.05
N LYS B 26 -14.96 19.52 -12.06
CA LYS B 26 -15.24 19.92 -13.44
C LYS B 26 -16.68 19.64 -13.82
N ARG B 27 -17.21 18.50 -13.39
CA ARG B 27 -18.61 18.17 -13.58
C ARG B 27 -19.13 17.59 -12.29
N VAL B 28 -20.19 18.20 -11.74
CA VAL B 28 -20.77 17.74 -10.48
C VAL B 28 -21.35 16.34 -10.73
N GLY B 29 -21.35 15.56 -9.65
CA GLY B 29 -21.99 14.25 -9.60
C GLY B 29 -23.41 14.30 -9.06
N ASN B 30 -23.90 13.13 -8.64
CA ASN B 30 -25.29 12.86 -8.34
C ASN B 30 -25.37 12.33 -6.92
N GLY B 31 -26.43 12.69 -6.21
CA GLY B 31 -26.63 12.22 -4.86
C GLY B 31 -25.69 12.91 -3.86
N GLU B 32 -25.75 12.47 -2.62
CA GLU B 32 -25.00 13.09 -1.54
C GLU B 32 -23.83 12.16 -1.11
N GLU B 33 -23.99 10.85 -1.31
CA GLU B 33 -23.05 9.85 -0.84
C GLU B 33 -21.71 9.98 -1.53
N THR B 34 -20.64 9.87 -0.73
CA THR B 34 -19.28 9.74 -1.25
C THR B 34 -18.68 8.46 -0.68
N PRO B 35 -17.68 7.83 -1.31
CA PRO B 35 -17.24 6.53 -0.81
C PRO B 35 -16.64 6.56 0.59
N MET B 36 -16.77 5.45 1.27
CA MET B 36 -16.14 5.21 2.54
C MET B 36 -14.88 4.37 2.36
N ILE B 37 -14.08 4.33 3.42
CA ILE B 37 -12.92 3.45 3.41
C ILE B 37 -13.41 2.01 3.35
N GLY B 38 -12.78 1.23 2.46
CA GLY B 38 -13.16 -0.13 2.14
C GLY B 38 -14.02 -0.30 0.87
N ASP B 39 -14.73 0.74 0.45
CA ASP B 39 -15.62 0.61 -0.71
C ASP B 39 -14.81 0.29 -1.95
N LYS B 40 -15.46 -0.48 -2.83
CA LYS B 40 -14.87 -0.79 -4.12
C LYS B 40 -15.23 0.39 -5.02
N VAL B 41 -14.22 1.01 -5.66
CA VAL B 41 -14.46 2.22 -6.43
C VAL B 41 -14.12 1.97 -7.91
N TYR B 42 -14.99 2.49 -8.79
CA TYR B 42 -14.77 2.34 -10.23
C TYR B 42 -14.57 3.73 -10.83
N VAL B 43 -13.49 3.92 -11.57
CA VAL B 43 -13.21 5.24 -12.12
C VAL B 43 -12.70 5.11 -13.55
N HIS B 44 -12.83 6.23 -14.30
CA HIS B 44 -11.96 6.47 -15.44
C HIS B 44 -11.02 7.61 -15.10
N TYR B 45 -9.79 7.57 -15.61
CA TYR B 45 -8.85 8.62 -15.33
C TYR B 45 -7.89 8.81 -16.52
N LYS B 46 -7.29 9.99 -16.52
CA LYS B 46 -6.11 10.33 -17.28
C LYS B 46 -5.13 11.00 -16.33
N GLY B 47 -3.86 10.59 -16.40
CA GLY B 47 -2.82 11.02 -15.50
C GLY B 47 -1.56 11.40 -16.25
N LYS B 48 -0.82 12.39 -15.74
CA LYS B 48 0.44 12.77 -16.32
C LYS B 48 1.37 13.35 -15.27
N LEU B 49 2.65 13.37 -15.61
CA LEU B 49 3.61 14.10 -14.79
C LEU B 49 3.30 15.56 -15.09
N SER B 50 3.45 16.43 -14.09
CA SER B 50 3.09 17.85 -14.27
C SER B 50 3.73 18.44 -15.54
N ASN B 51 5.00 18.05 -15.74
CA ASN B 51 5.89 18.20 -16.90
C ASN B 51 5.45 17.59 -18.23
N GLY B 52 4.41 16.74 -18.27
CA GLY B 52 3.90 16.12 -19.49
C GLY B 52 4.91 15.19 -20.20
N LYS B 53 5.62 14.32 -19.47
CA LYS B 53 6.64 13.50 -20.12
C LYS B 53 6.18 12.03 -20.21
N LYS B 54 5.24 11.66 -19.33
CA LYS B 54 4.61 10.35 -19.22
C LYS B 54 3.12 10.62 -19.02
N PHE B 55 2.28 9.76 -19.59
CA PHE B 55 0.85 10.01 -19.66
C PHE B 55 0.14 8.67 -19.65
N ASP B 56 -0.88 8.53 -18.83
CA ASP B 56 -1.55 7.27 -18.66
C ASP B 56 -3.05 7.51 -18.69
N SER B 57 -3.80 6.66 -19.37
CA SER B 57 -5.24 6.70 -19.11
C SER B 57 -5.91 5.32 -19.10
N SER B 58 -6.97 5.22 -18.28
CA SER B 58 -7.81 4.04 -18.25
C SER B 58 -8.48 3.82 -19.59
N HIS B 59 -8.77 4.92 -20.29
CA HIS B 59 -9.35 4.82 -21.63
C HIS B 59 -8.41 4.08 -22.57
N ASP B 60 -7.09 4.04 -22.30
CA ASP B 60 -6.16 3.24 -23.11
C ASP B 60 -6.52 1.76 -23.08
N ARG B 61 -7.23 1.31 -22.06
CA ARG B 61 -7.59 -0.10 -21.87
C ARG B 61 -9.11 -0.22 -22.05
N ASN B 62 -9.76 0.93 -22.35
CA ASN B 62 -11.21 1.10 -22.54
C ASN B 62 -11.99 0.34 -21.47
N GLU B 63 -11.48 0.33 -20.23
CA GLU B 63 -12.11 -0.39 -19.14
C GLU B 63 -11.90 0.41 -17.86
N PRO B 64 -12.87 0.36 -16.90
CA PRO B 64 -12.69 1.12 -15.67
C PRO B 64 -11.48 0.65 -14.87
N PHE B 65 -10.87 1.57 -14.12
CA PHE B 65 -9.82 1.25 -13.15
C PHE B 65 -10.53 1.03 -11.80
N VAL B 66 -10.26 -0.10 -11.14
CA VAL B 66 -11.03 -0.44 -9.93
C VAL B 66 -10.05 -0.50 -8.77
N PHE B 67 -10.45 -0.01 -7.58
CA PHE B 67 -9.58 -0.14 -6.40
C PHE B 67 -10.42 0.06 -5.14
N SER B 68 -9.89 -0.44 -4.03
CA SER B 68 -10.56 -0.38 -2.73
C SER B 68 -10.04 0.88 -2.03
N LEU B 69 -10.95 1.77 -1.63
CA LEU B 69 -10.55 3.06 -1.13
C LEU B 69 -9.94 2.97 0.26
N GLY B 70 -8.86 3.71 0.39
CA GLY B 70 -8.26 4.01 1.68
C GLY B 70 -7.45 2.86 2.22
N LYS B 71 -7.04 1.94 1.31
CA LYS B 71 -6.23 0.78 1.61
C LYS B 71 -4.78 1.03 1.13
N GLY B 72 -4.44 2.24 0.68
CA GLY B 72 -3.12 2.50 0.12
C GLY B 72 -2.75 1.67 -1.13
N GLN B 73 -3.78 1.15 -1.88
CA GLN B 73 -3.61 0.44 -3.14
C GLN B 73 -3.22 1.44 -4.25
N VAL B 74 -3.50 2.70 -3.98
CA VAL B 74 -3.14 3.83 -4.85
C VAL B 74 -2.39 4.85 -3.99
N ILE B 75 -1.81 5.90 -4.60
CA ILE B 75 -1.14 6.96 -3.86
C ILE B 75 -2.14 7.66 -2.93
N LYS B 76 -1.59 8.24 -1.86
CA LYS B 76 -2.32 8.83 -0.76
C LYS B 76 -3.27 9.88 -1.34
N ALA B 77 -2.81 10.65 -2.35
CA ALA B 77 -3.67 11.70 -2.96
C ALA B 77 -4.99 11.17 -3.51
N TRP B 78 -4.97 9.92 -4.06
CA TRP B 78 -6.17 9.29 -4.55
C TRP B 78 -7.08 8.85 -3.42
N ASP B 79 -6.51 8.24 -2.37
CA ASP B 79 -7.29 7.87 -1.21
C ASP B 79 -8.02 9.09 -0.62
N ILE B 80 -7.34 10.22 -0.64
CA ILE B 80 -7.90 11.50 -0.13
C ILE B 80 -8.95 12.07 -1.11
N GLY B 81 -8.56 12.20 -2.37
CA GLY B 81 -9.31 12.88 -3.43
C GLY B 81 -10.57 12.18 -3.85
N VAL B 82 -10.41 10.88 -4.14
CA VAL B 82 -11.54 10.10 -4.58
C VAL B 82 -12.61 9.98 -3.50
N ALA B 83 -12.22 9.97 -2.21
CA ALA B 83 -13.11 9.98 -1.06
C ALA B 83 -14.04 11.21 -1.04
N THR B 84 -13.65 12.30 -1.72
CA THR B 84 -14.46 13.52 -1.73
C THR B 84 -15.44 13.55 -2.90
N MET B 85 -15.39 12.57 -3.78
CA MET B 85 -16.14 12.65 -5.03
C MET B 85 -17.52 11.98 -4.92
N LYS B 86 -18.52 12.54 -5.63
CA LYS B 86 -19.83 11.94 -5.76
C LYS B 86 -19.88 11.08 -7.01
N LYS B 87 -20.86 10.18 -7.12
CA LYS B 87 -21.03 9.36 -8.31
C LYS B 87 -21.32 10.25 -9.52
N GLY B 88 -20.63 10.02 -10.63
CA GLY B 88 -20.80 10.81 -11.85
C GLY B 88 -19.90 12.04 -11.90
N GLU B 89 -19.26 12.42 -10.77
CA GLU B 89 -18.40 13.57 -10.70
C GLU B 89 -17.12 13.41 -11.54
N ILE B 90 -16.68 14.50 -12.17
CA ILE B 90 -15.35 14.57 -12.80
C ILE B 90 -14.59 15.70 -12.15
N ALA B 91 -13.40 15.36 -11.68
CA ALA B 91 -12.50 16.26 -10.94
C ALA B 91 -11.10 16.24 -11.50
N HIS B 92 -10.42 17.37 -11.29
CA HIS B 92 -9.00 17.52 -11.52
C HIS B 92 -8.24 17.53 -10.18
N LEU B 93 -7.13 16.82 -10.13
CA LEU B 93 -6.26 16.82 -8.96
C LEU B 93 -4.86 17.18 -9.39
N LEU B 94 -4.27 18.09 -8.62
CA LEU B 94 -2.87 18.39 -8.73
C LEU B 94 -2.20 18.02 -7.40
N ILE B 95 -1.08 17.29 -7.50
CA ILE B 95 -0.55 16.47 -6.38
C ILE B 95 0.93 16.72 -6.19
N LYS B 96 1.29 17.24 -5.02
CA LYS B 96 2.69 17.37 -4.64
C LYS B 96 3.31 16.02 -4.26
N PRO B 97 4.63 15.87 -4.41
CA PRO B 97 5.32 14.58 -4.32
C PRO B 97 5.04 13.83 -3.01
N GLU B 98 4.83 14.57 -1.92
CA GLU B 98 4.63 13.97 -0.59
C GLU B 98 3.34 13.13 -0.59
N TYR B 99 2.37 13.41 -1.47
CA TYR B 99 1.10 12.69 -1.53
C TYR B 99 1.04 11.72 -2.74
N ALA B 100 2.19 11.50 -3.36
CA ALA B 100 2.29 10.71 -4.60
C ALA B 100 3.45 9.75 -4.40
N TYR B 101 4.59 9.91 -5.09
CA TYR B 101 5.67 8.94 -4.95
C TYR B 101 6.89 9.51 -4.24
N GLY B 102 6.79 10.74 -3.67
CA GLY B 102 7.80 11.19 -2.73
C GLY B 102 9.20 11.49 -3.28
N SER B 103 10.18 11.52 -2.37
CA SER B 103 11.55 11.82 -2.77
C SER B 103 12.16 10.65 -3.52
N ALA B 104 11.71 9.42 -3.19
CA ALA B 104 12.33 8.27 -3.81
C ALA B 104 11.85 8.12 -5.24
N GLY B 105 10.63 8.56 -5.48
CA GLY B 105 9.99 8.34 -6.76
C GLY B 105 9.62 6.88 -6.98
N SER B 106 9.57 6.50 -8.25
CA SER B 106 9.19 5.15 -8.62
C SER B 106 9.82 4.94 -9.97
N LEU B 107 11.14 4.90 -9.92
CA LEU B 107 11.91 4.87 -11.15
C LEU B 107 11.79 3.52 -11.82
N PRO B 108 11.85 3.46 -13.15
CA PRO B 108 12.08 4.64 -14.00
C PRO B 108 10.83 5.42 -14.37
N LYS B 109 9.64 4.91 -14.07
CA LYS B 109 8.42 5.52 -14.58
C LYS B 109 8.20 6.90 -13.94
N ILE B 110 8.48 7.06 -12.64
CA ILE B 110 8.18 8.32 -11.98
C ILE B 110 9.46 8.83 -11.34
N PRO B 111 9.93 10.06 -11.65
CA PRO B 111 11.14 10.60 -11.05
C PRO B 111 10.90 11.01 -9.61
N SER B 112 12.04 11.28 -8.97
CA SER B 112 12.10 11.89 -7.66
C SER B 112 11.30 13.18 -7.72
N ASN B 113 10.55 13.43 -6.65
CA ASN B 113 10.02 14.75 -6.34
C ASN B 113 9.07 15.18 -7.47
N ALA B 114 8.26 14.21 -7.98
CA ALA B 114 7.36 14.45 -9.09
C ALA B 114 6.03 15.01 -8.59
N THR B 115 5.56 16.05 -9.27
CA THR B 115 4.21 16.51 -9.21
C THR B 115 3.35 15.84 -10.29
N LEU B 116 2.16 15.38 -9.89
CA LEU B 116 1.25 14.63 -10.77
C LEU B 116 -0.05 15.40 -10.96
N PHE B 117 -0.64 15.19 -12.14
CA PHE B 117 -1.96 15.73 -12.44
C PHE B 117 -2.90 14.58 -12.87
N PHE B 118 -4.16 14.61 -12.41
CA PHE B 118 -5.16 13.65 -12.88
C PHE B 118 -6.47 14.31 -13.16
N GLU B 119 -7.15 13.78 -14.20
CA GLU B 119 -8.55 13.99 -14.39
C GLU B 119 -9.23 12.66 -14.07
N ILE B 120 -10.20 12.71 -13.18
CA ILE B 120 -10.81 11.49 -12.62
C ILE B 120 -12.31 11.63 -12.78
N GLU B 121 -12.92 10.59 -13.30
CA GLU B 121 -14.34 10.38 -13.31
C GLU B 121 -14.68 9.23 -12.37
N LEU B 122 -15.52 9.53 -11.38
CA LEU B 122 -16.06 8.52 -10.46
C LEU B 122 -17.29 7.87 -11.08
N LEU B 123 -17.20 6.59 -11.46
CA LEU B 123 -18.25 5.96 -12.21
C LEU B 123 -19.26 5.33 -11.24
N ASP B 124 -18.73 4.70 -10.19
CA ASP B 124 -19.51 3.94 -9.26
C ASP B 124 -18.66 3.64 -8.03
N PHE B 125 -19.37 3.33 -6.93
CA PHE B 125 -18.76 2.69 -5.78
C PHE B 125 -19.80 1.84 -5.04
N LYS B 126 -19.32 0.77 -4.42
CA LYS B 126 -20.16 -0.25 -3.79
C LYS B 126 -19.48 -0.68 -2.49
N GLY B 127 -20.30 -0.98 -1.47
CA GLY B 127 -19.83 -1.56 -0.21
C GLY B 127 -19.00 -2.82 -0.46
N GLU B 128 -18.00 -3.06 0.41
CA GLU B 128 -17.39 -4.38 0.57
C GLU B 128 -18.51 -5.45 0.68
C4 A1INY C . 4.89 -0.72 9.47
C14 A1INY C . 0.86 -2.03 12.43
C5 A1INY C . 4.63 -0.34 10.78
C6 A1INY C . 3.69 0.66 11.06
C11 A1INY C . 3.39 0.82 14.71
C7 A1INY C . 3.00 1.27 10.06
C8 A1INY C . 0.84 1.83 10.80
C9 A1INY C . 4.21 0.81 13.43
C10 A1INY C . 5.30 1.88 13.47
C12 A1INY C . 2.79 -0.51 15.04
C13 A1INY C . 2.04 -1.91 13.09
N1 A1INY C . 1.83 -0.98 14.04
N2 A1INY C . -0.02 -1.18 13.01
C3 A1INY C . 4.15 -0.13 8.45
N3 A1INY C . 0.55 -0.52 14.00
C1 A1INY C . 2.52 1.16 6.51
O1 A1INY C . 2.47 1.54 7.85
C2 A1INY C . 3.28 0.90 8.75
O2 A1INY C . 2.11 2.31 10.38
O3 A1INY C . 3.34 1.12 12.30
C15 A1INY C . 0.55 -2.87 11.24
C16 A1INY C . 0.54 -1.97 10.00
C17 A1INY C . -0.83 -1.30 9.87
C18 A1INY C . 0.92 -2.70 8.74
O4 A1INY C . 2.23 -3.35 8.88
C19 A1INY C . 2.46 -4.52 8.28
O5 A1INY C . 1.66 -5.12 7.65
C20 A1INY C . 3.88 -5.02 8.45
C21 A1INY C . 3.91 -6.37 9.18
C22 A1INY C . 3.39 -6.23 10.61
C23 A1INY C . 4.35 -5.33 11.40
C24 A1INY C . 4.44 -3.93 10.74
N4 A1INY C . 4.62 -3.98 9.19
C25 A1INY C . 5.27 -3.03 8.49
O6 A1INY C . 5.33 -3.04 7.24
C26 A1INY C . 5.90 -1.83 9.23
C27 A1INY C . 7.14 -1.34 8.41
C28 A1INY C . 8.28 -2.34 8.33
C29 A1INY C . 9.48 -1.84 7.51
C30 A1INY C . 10.03 -0.58 8.15
C31 A1INY C . 8.92 0.48 8.15
C32 A1INY C . 7.69 -0.01 8.95
H5 A1INY C . 5.10 -0.75 11.49
H14 A1INY C . 3.97 1.09 15.46
H13 A1INY C . 2.68 1.47 14.62
H7 A1INY C . 0.24 2.60 10.94
H8 A1INY C . 0.93 1.34 11.63
H6 A1INY C . 0.46 1.25 10.12
H9 A1INY C . 4.62 -0.08 13.31
H11 A1INY C . 4.90 2.75 13.58
H12 A1INY C . 5.81 1.85 12.64
H10 A1INY C . 5.90 1.69 14.21
H16 A1INY C . 3.50 -1.18 15.12
H15 A1INY C . 2.33 -0.46 15.91
H17 A1INY C . 2.84 -2.36 12.90
H4 A1INY C . 4.32 -0.37 7.56
H2 A1INY C . 1.88 1.69 6.01
H3 A1INY C . 2.29 0.22 6.43
H1 A1INY C . 3.42 1.30 6.16
H19 A1INY C . 1.22 -3.57 11.14
H18 A1INY C . -0.33 -3.29 11.35
H20 A1INY C . 1.21 -1.26 10.13
H23 A1INY C . -1.53 -1.98 9.88
H21 A1INY C . -0.88 -0.82 9.02
H22 A1INY C . -0.97 -0.68 10.61
H25 A1INY C . 0.25 -3.38 8.53
H24 A1INY C . 0.95 -2.07 7.99
H26 A1INY C . 4.30 -5.13 7.55
H28 A1INY C . 3.34 -7.01 8.69
H27 A1INY C . 4.83 -6.71 9.20
H29 A1INY C . 3.34 -7.12 11.03
H30 A1INY C . 2.49 -5.84 10.61
H31 A1INY C . 5.25 -5.74 11.41
H32 A1INY C . 4.04 -5.24 12.31
H33 A1INY C . 5.20 -3.43 11.13
H34 A1INY C . 3.62 -3.42 10.95
H35 A1INY C . 6.22 -2.16 10.11
H36 A1INY C . 6.83 -1.18 7.49
H38 A1INY C . 8.57 -2.55 9.24
H37 A1INY C . 7.95 -3.18 7.93
H39 A1INY C . 9.19 -1.66 6.58
H40 A1INY C . 10.17 -2.53 7.48
H41 A1INY C . 10.80 -0.25 7.62
H42 A1INY C . 10.32 -0.77 9.06
H43 A1INY C . 8.65 0.67 7.22
H44 A1INY C . 9.26 1.30 8.55
H46 A1INY C . 7.94 -0.11 9.89
H45 A1INY C . 6.99 0.68 8.89
C4 A1INY D . 0.73 4.81 -12.73
C14 A1INY D . -2.10 0.83 -11.58
C5 A1INY D . 0.27 3.91 -13.67
C6 A1INY D . 0.83 2.64 -13.73
C11 A1INY D . -1.19 0.51 -15.89
C7 A1INY D . 1.97 2.31 -12.99
C8 A1INY D . 2.01 0.16 -12.28
C9 A1INY D . -0.43 1.80 -15.62
C10 A1INY D . 0.40 2.26 -16.76
C12 A1INY D . -2.50 0.50 -15.15
C13 A1INY D . -2.40 1.41 -12.79
N1 A1INY D . -2.32 0.43 -13.70
N2 A1INY D . -1.85 -0.47 -11.83
C3 A1INY D . 1.91 4.53 -12.02
N3 A1INY D . -1.99 -0.73 -13.11
C1 A1INY D . 3.89 3.70 -10.26
O1 A1INY D . 3.60 2.88 -11.38
C2 A1INY D . 2.48 3.26 -12.08
O2 A1INY D . 2.54 1.06 -13.22
O3 A1INY D . 0.54 1.61 -14.55
C15 A1INY D . -2.02 1.39 -10.20
C16 A1INY D . -0.60 1.83 -9.84
C17 A1INY D . 0.13 0.63 -9.22
C18 A1INY D . -0.58 2.96 -8.82
O4 A1INY D . -0.99 4.20 -9.48
C19 A1INY D . -1.43 5.17 -8.69
O5 A1INY D . -1.54 5.10 -7.51
C20 A1INY D . -1.90 6.37 -9.49
C21 A1INY D . -3.38 6.51 -9.18
C22 A1INY D . -4.18 5.40 -9.82
C23 A1INY D . -3.94 5.49 -11.33
C24 A1INY D . -2.43 5.22 -11.66
N4 A1INY D . -1.55 6.10 -10.90
C25 A1INY D . -0.32 6.47 -11.28
O6 A1INY D . 0.49 6.97 -10.50
C26 A1INY D . 0.11 6.20 -12.69
C27 A1INY D . 1.07 7.26 -13.21
C28 A1INY D . 0.43 8.66 -13.24
C29 A1INY D . 1.32 9.71 -13.94
C30 A1INY D . 1.81 9.34 -15.29
C31 A1INY D . 2.53 8.00 -15.19
C32 A1INY D . 1.60 6.95 -14.59
H5 A1INY D . -0.51 4.12 -14.18
H14 A1INY D . -1.36 0.43 -16.85
H13 A1INY D . -0.65 -0.26 -15.60
H7 A1INY D . 2.39 -0.72 -12.42
H8 A1INY D . 1.04 0.12 -12.38
H6 A1INY D . 2.23 0.46 -11.38
H9 A1INY D . -1.07 2.51 -15.36
H11 A1INY D . 1.10 1.60 -16.95
H12 A1INY D . 0.82 3.11 -16.54
H10 A1INY D . -0.16 2.37 -17.55
H16 A1INY D . -3.00 1.33 -15.36
H15 A1INY D . -3.04 -0.26 -15.45
H17 A1INY D . -2.60 2.32 -12.95
H4 A1INY D . 2.23 5.17 -11.39
H2 A1INY D . 4.59 3.29 -9.74
H3 A1INY D . 3.10 3.79 -9.71
H1 A1INY D . 4.19 4.58 -10.57
H19 A1INY D . -2.62 2.15 -10.13
H18 A1INY D . -2.31 0.71 -9.55
H20 A1INY D . -0.13 2.13 -10.65
H23 A1INY D . -0.36 0.29 -8.46
H21 A1INY D . 1.02 0.90 -8.94
H22 A1INY D . 0.22 -0.07 -9.89
H25 A1INY D . -1.19 2.76 -8.08
H24 A1INY D . 0.33 3.07 -8.45
H26 A1INY D . -1.41 7.19 -9.18
H28 A1INY D . -3.53 6.49 -8.20
H27 A1INY D . -3.71 7.37 -9.51
H29 A1INY D . -5.14 5.52 -9.63
H30 A1INY D . -3.89 4.52 -9.48
H31 A1INY D . -4.19 6.39 -11.64
H32 A1INY D . -4.50 4.83 -11.78
H33 A1INY D . -2.28 5.36 -12.63
H34 A1INY D . -2.21 4.28 -11.45
H35 A1INY D . -0.69 6.18 -13.26
H36 A1INY D . 1.86 7.30 -12.60
H38 A1INY D . -0.43 8.61 -13.71
H37 A1INY D . 0.25 8.96 -12.33
H39 A1INY D . 2.10 9.89 -13.35
H40 A1INY D . 0.82 10.55 -14.01
H41 A1INY D . 2.43 10.02 -15.62
H42 A1INY D . 1.06 9.26 -15.91
H43 A1INY D . 3.32 8.09 -14.62
H44 A1INY D . 2.81 7.72 -16.08
H46 A1INY D . 0.83 6.82 -15.19
H45 A1INY D . 2.08 6.09 -14.56
#